data_5KQD
#
_entry.id   5KQD
#
_cell.length_a   121.707
_cell.length_b   121.707
_cell.length_c   121.707
_cell.angle_alpha   90.00
_cell.angle_beta   90.00
_cell.angle_gamma   90.00
#
_symmetry.space_group_name_H-M   'P 2 3'
#
loop_
_entity.id
_entity.type
_entity.pdbx_description
1 polymer 'Pantothenate kinase 3'
2 non-polymer Palmitoyl-CoA
3 non-polymer 'SULFATE ION'
#
_entity_poly.entity_id   1
_entity_poly.type   'polypeptide(L)'
_entity_poly.pdbx_seq_one_letter_code
;MGSSHHHHHHSSGLVPRGSPWFGMDIGGTLVKLSYFEPIDITAEEEQEEVESLKSIRKYLTSNVAYGSTGIRDVHLELKD
LTLFGRRGNLHFIRFPTQDLPTFIQMGRDKNFSTLQTVLCATGGGAYKFEKDFRTIGNLHLHKLDELDCLVKGLLYIDSV
SFNGQAECYYFANASEPERCQKMPFNLDDPYPLLVVNIGSGVSILAVHSKDNYKRVTGTSLGGGTFLGLCSLLTGCESFE
EALEMASKGDSTQADKLVRDIYGGDYERFGLPGWAVASSFGNMIYKEKRESVSKEDLARATLVTITNNIGSVARMCAVNE
KINRVVFVGNFLRVNTLSMKLLAYALDYWSKGQLKALFLEHEGYFGAVGALLGLPNFSDD
;
_entity_poly.pdbx_strand_id   A
#
# COMPACT_ATOMS: atom_id res chain seq x y z
N SER A 19 -8.11 -1.64 29.40
CA SER A 19 -6.96 -2.51 29.63
C SER A 19 -6.62 -3.44 28.46
N PRO A 20 -7.63 -3.98 27.74
CA PRO A 20 -7.32 -4.61 26.46
C PRO A 20 -6.86 -3.57 25.46
N TRP A 21 -5.56 -3.53 25.15
CA TRP A 21 -4.99 -2.41 24.42
C TRP A 21 -5.16 -2.58 22.92
N PHE A 22 -5.43 -1.47 22.23
CA PHE A 22 -5.80 -1.50 20.81
C PHE A 22 -5.80 -0.08 20.27
N GLY A 23 -5.73 0.03 18.94
CA GLY A 23 -5.78 1.32 18.27
C GLY A 23 -6.37 1.16 16.90
N MET A 24 -7.28 2.04 16.50
CA MET A 24 -8.02 1.86 15.26
C MET A 24 -7.54 2.80 14.17
N ASP A 25 -7.55 2.31 12.94
CA ASP A 25 -7.34 3.11 11.72
C ASP A 25 -8.70 3.18 11.04
N ILE A 26 -9.27 4.37 11.00
CA ILE A 26 -10.63 4.56 10.56
C ILE A 26 -10.58 5.35 9.26
N GLY A 27 -10.81 4.64 8.16
CA GLY A 27 -11.00 5.27 6.88
C GLY A 27 -12.45 5.44 6.56
N GLY A 28 -12.71 5.90 5.33
CA GLY A 28 -14.05 6.31 4.97
C GLY A 28 -14.94 5.15 4.63
N THR A 29 -14.34 4.01 4.31
CA THR A 29 -15.07 2.78 4.07
C THR A 29 -14.72 1.69 5.05
N LEU A 30 -13.50 1.69 5.63
CA LEU A 30 -13.05 0.57 6.44
C LEU A 30 -12.32 1.01 7.71
N VAL A 31 -12.31 0.10 8.67
CA VAL A 31 -11.59 0.25 9.92
C VAL A 31 -10.53 -0.84 10.00
N LYS A 32 -9.30 -0.44 10.29
CA LYS A 32 -8.20 -1.37 10.53
C LYS A 32 -7.84 -1.28 12.00
N LEU A 33 -7.64 -2.42 12.64
CA LEU A 33 -7.47 -2.43 14.09
C LEU A 33 -6.50 -3.53 14.50
N SER A 34 -5.68 -3.21 15.47
CA SER A 34 -4.74 -4.11 16.09
C SER A 34 -5.06 -4.21 17.58
N TYR A 35 -4.92 -5.42 18.15
CA TYR A 35 -5.28 -5.69 19.54
C TYR A 35 -4.17 -6.49 20.18
N PHE A 36 -3.82 -6.14 21.40
CA PHE A 36 -2.80 -6.87 22.15
C PHE A 36 -3.51 -7.86 23.07
N GLU A 37 -3.35 -9.14 22.78
CA GLU A 37 -3.85 -10.21 23.63
C GLU A 37 -2.80 -10.55 24.67
N PRO A 38 -3.01 -10.20 25.94
CA PRO A 38 -1.99 -10.50 26.95
C PRO A 38 -2.00 -11.98 27.30
N ILE A 39 -0.85 -12.46 27.76
CA ILE A 39 -0.71 -13.87 28.09
C ILE A 39 -0.90 -14.08 29.59
N GLU A 46 -11.24 -12.80 33.84
CA GLU A 46 -10.32 -12.06 32.98
C GLU A 46 -10.15 -12.82 31.68
N GLN A 47 -9.50 -13.97 31.80
CA GLN A 47 -9.42 -14.90 30.67
C GLN A 47 -10.80 -15.16 30.11
N GLU A 48 -11.79 -15.36 30.99
CA GLU A 48 -13.16 -15.58 30.54
C GLU A 48 -13.71 -14.35 29.82
N GLU A 49 -13.38 -13.14 30.30
CA GLU A 49 -13.92 -11.93 29.71
C GLU A 49 -13.42 -11.75 28.28
N VAL A 50 -12.12 -11.91 28.06
CA VAL A 50 -11.56 -11.85 26.71
C VAL A 50 -12.21 -12.91 25.83
N GLU A 51 -12.46 -14.10 26.39
CA GLU A 51 -13.00 -15.21 25.60
C GLU A 51 -14.37 -14.88 25.04
N SER A 52 -15.27 -14.44 25.91
CA SER A 52 -16.63 -14.11 25.49
C SER A 52 -16.64 -12.93 24.53
N LEU A 53 -15.83 -11.92 24.81
CA LEU A 53 -15.54 -10.89 23.81
C LEU A 53 -15.13 -11.52 22.50
N LYS A 54 -14.19 -12.48 22.55
CA LYS A 54 -13.75 -13.14 21.32
C LYS A 54 -14.89 -13.91 20.66
N SER A 55 -15.79 -14.47 21.47
CA SER A 55 -16.87 -15.27 20.91
C SER A 55 -17.82 -14.45 20.07
N ILE A 56 -18.15 -13.25 20.53
CA ILE A 56 -19.14 -12.46 19.80
C ILE A 56 -18.48 -11.68 18.67
N ARG A 57 -17.18 -11.44 18.76
CA ARG A 57 -16.47 -11.03 17.56
C ARG A 57 -16.45 -12.13 16.52
N LYS A 58 -16.44 -13.40 16.95
CA LYS A 58 -16.57 -14.49 16.01
C LYS A 58 -17.94 -14.48 15.34
N TYR A 59 -19.00 -14.23 16.10
CA TYR A 59 -20.33 -13.99 15.53
C TYR A 59 -20.24 -13.05 14.33
N LEU A 60 -19.85 -11.80 14.57
CA LEU A 60 -19.88 -10.76 13.54
C LEU A 60 -19.03 -11.13 12.35
N THR A 61 -17.83 -11.67 12.57
CA THR A 61 -16.97 -12.00 11.43
C THR A 61 -17.62 -13.06 10.56
N SER A 62 -18.17 -14.11 11.18
CA SER A 62 -18.93 -15.12 10.43
C SER A 62 -20.22 -14.59 9.83
N ASN A 63 -20.74 -13.48 10.34
CA ASN A 63 -21.73 -12.73 9.57
C ASN A 63 -21.15 -12.24 8.26
N VAL A 64 -20.06 -11.48 8.33
CA VAL A 64 -19.38 -10.94 7.14
C VAL A 64 -19.16 -12.02 6.08
N ALA A 65 -19.00 -13.28 6.49
CA ALA A 65 -18.75 -14.38 5.57
C ALA A 65 -19.69 -14.35 4.39
N TYR A 66 -20.96 -14.03 4.60
CA TYR A 66 -21.86 -13.89 3.46
C TYR A 66 -21.37 -12.73 2.59
N ARG A 72 -5.81 -13.65 5.53
CA ARG A 72 -4.41 -13.31 5.74
C ARG A 72 -4.22 -12.50 7.01
N ASP A 73 -5.34 -11.96 7.52
CA ASP A 73 -5.31 -11.19 8.76
C ASP A 73 -4.91 -12.03 9.94
N VAL A 74 -5.32 -13.29 9.97
CA VAL A 74 -4.84 -14.18 11.00
C VAL A 74 -3.44 -14.68 10.68
N HIS A 75 -3.01 -14.55 9.41
CA HIS A 75 -1.63 -14.93 9.07
C HIS A 75 -0.62 -13.99 9.70
N LEU A 76 -0.96 -12.72 9.87
CA LEU A 76 -0.07 -11.71 10.41
C LEU A 76 -0.12 -11.59 11.93
N GLU A 77 -0.69 -12.56 12.64
CA GLU A 77 -0.68 -12.53 14.11
C GLU A 77 0.73 -12.69 14.63
N LEU A 78 1.06 -12.00 15.72
CA LEU A 78 2.39 -12.02 16.31
C LEU A 78 2.31 -12.50 17.75
N LYS A 79 3.09 -13.54 18.09
CA LYS A 79 2.99 -14.22 19.37
C LYS A 79 4.33 -14.17 20.11
N ASP A 80 4.25 -14.29 21.44
CA ASP A 80 5.43 -14.35 22.31
C ASP A 80 6.31 -13.11 22.16
N LEU A 81 5.67 -11.96 21.93
CA LEU A 81 6.35 -10.68 21.91
C LEU A 81 6.00 -9.92 23.18
N THR A 82 7.01 -9.39 23.84
CA THR A 82 6.78 -8.54 25.00
C THR A 82 6.64 -7.10 24.53
N LEU A 83 5.76 -6.36 25.18
CA LEU A 83 5.50 -4.95 24.84
C LEU A 83 5.38 -4.12 26.13
N PHE A 84 6.52 -3.69 26.66
CA PHE A 84 6.58 -2.92 27.89
C PHE A 84 5.84 -3.65 29.02
N ASN A 89 0.48 -11.14 22.40
CA ASN A 89 0.07 -11.26 21.01
C ASN A 89 -0.45 -9.98 20.41
N LEU A 90 -0.31 -9.85 19.11
CA LEU A 90 -0.91 -8.75 18.35
C LEU A 90 -1.78 -9.35 17.27
N HIS A 91 -3.08 -9.08 17.34
CA HIS A 91 -4.02 -9.54 16.34
C HIS A 91 -4.38 -8.37 15.43
N PHE A 92 -4.70 -8.68 14.17
CA PHE A 92 -4.94 -7.66 13.15
C PHE A 92 -6.24 -7.96 12.42
N ILE A 93 -7.16 -7.00 12.43
CA ILE A 93 -8.47 -7.19 11.84
C ILE A 93 -8.93 -5.92 11.14
N ARG A 94 -9.80 -6.12 10.14
CA ARG A 94 -10.44 -5.09 9.33
C ARG A 94 -11.94 -5.36 9.30
N PHE A 95 -12.76 -4.30 9.27
CA PHE A 95 -14.19 -4.47 9.13
C PHE A 95 -14.77 -3.15 8.74
N PRO A 96 -15.92 -3.15 8.09
CA PRO A 96 -16.59 -1.91 7.71
C PRO A 96 -16.80 -0.96 8.89
N THR A 97 -16.60 0.33 8.63
CA THR A 97 -16.84 1.35 9.63
C THR A 97 -18.26 1.25 10.16
N GLN A 98 -19.23 0.89 9.32
CA GLN A 98 -20.60 0.74 9.79
C GLN A 98 -20.71 -0.29 10.91
N ASP A 99 -19.87 -1.34 10.87
CA ASP A 99 -19.90 -2.37 11.90
C ASP A 99 -19.33 -1.89 13.22
N LEU A 100 -18.68 -0.76 13.23
CA LEU A 100 -17.92 -0.36 14.42
C LEU A 100 -18.81 -0.09 15.63
N PRO A 101 -19.85 0.74 15.56
CA PRO A 101 -20.63 1.05 16.77
C PRO A 101 -21.15 -0.17 17.49
N THR A 102 -21.36 -1.28 16.79
CA THR A 102 -21.84 -2.50 17.45
C THR A 102 -20.89 -2.97 18.54
N PHE A 103 -19.62 -2.58 18.46
CA PHE A 103 -18.63 -3.11 19.40
C PHE A 103 -18.76 -2.48 20.78
N ILE A 104 -19.39 -1.30 20.85
CA ILE A 104 -19.49 -0.59 22.13
C ILE A 104 -20.33 -1.40 23.12
N GLN A 105 -21.45 -1.96 22.65
CA GLN A 105 -22.20 -2.90 23.47
C GLN A 105 -21.43 -4.20 23.67
N MET A 106 -20.78 -4.68 22.61
CA MET A 106 -19.89 -5.84 22.67
C MET A 106 -18.93 -5.75 23.85
N GLY A 123 -8.27 7.75 11.30
CA GLY A 123 -7.83 8.87 10.48
C GLY A 123 -8.95 9.71 9.90
N GLY A 124 -9.01 9.76 8.56
CA GLY A 124 -10.01 10.60 7.93
C GLY A 124 -11.43 10.19 8.27
N GLY A 125 -11.64 8.90 8.55
CA GLY A 125 -12.99 8.45 8.80
C GLY A 125 -13.49 8.79 10.19
N ALA A 126 -12.59 8.99 11.15
CA ALA A 126 -13.02 9.05 12.54
C ALA A 126 -13.77 10.34 12.85
N TYR A 127 -13.41 11.43 12.18
CA TYR A 127 -14.07 12.68 12.49
C TYR A 127 -15.56 12.61 12.17
N LYS A 128 -15.92 11.90 11.10
CA LYS A 128 -17.32 11.77 10.72
C LYS A 128 -18.04 10.64 11.44
N PHE A 129 -17.34 9.84 12.22
CA PHE A 129 -17.97 8.73 12.94
C PHE A 129 -18.44 9.12 14.33
N GLU A 130 -17.99 10.28 14.83
CA GLU A 130 -18.40 10.71 16.15
C GLU A 130 -19.92 10.64 16.30
N LYS A 131 -20.65 10.97 15.23
CA LYS A 131 -22.11 10.89 15.14
C LYS A 131 -22.82 10.01 16.17
N LEU A 141 -13.03 10.23 22.10
CA LEU A 141 -11.75 9.81 21.56
C LEU A 141 -10.93 11.04 21.21
N HIS A 142 -9.67 10.84 20.86
CA HIS A 142 -8.81 11.92 20.39
C HIS A 142 -8.17 11.53 19.06
N LYS A 143 -8.34 12.38 18.05
CA LYS A 143 -7.80 12.09 16.74
C LYS A 143 -6.28 12.08 16.78
N LEU A 144 -5.66 11.46 15.77
CA LEU A 144 -4.21 11.40 15.66
C LEU A 144 -3.84 11.36 14.18
N ASP A 145 -2.77 12.03 13.81
CA ASP A 145 -2.38 12.09 12.41
C ASP A 145 -2.03 10.70 11.88
N GLU A 146 -2.74 10.28 10.85
CA GLU A 146 -2.45 9.01 10.21
C GLU A 146 -0.96 8.84 9.92
N LEU A 147 -0.32 9.85 9.33
CA LEU A 147 1.09 9.72 8.99
C LEU A 147 1.95 9.54 10.22
N ASP A 148 1.69 10.30 11.28
CA ASP A 148 2.44 10.09 12.52
C ASP A 148 2.27 8.67 13.01
N CYS A 149 1.04 8.15 12.91
CA CYS A 149 0.76 6.78 13.34
C CYS A 149 1.36 5.77 12.38
N LEU A 150 1.34 6.09 11.08
CA LEU A 150 2.00 5.25 10.09
C LEU A 150 3.47 5.05 10.45
N VAL A 151 4.17 6.13 10.75
CA VAL A 151 5.58 6.07 11.10
C VAL A 151 5.78 5.27 12.37
N LYS A 152 5.24 5.75 13.49
CA LYS A 152 5.45 5.07 14.76
C LYS A 152 5.12 3.59 14.63
N GLY A 153 4.01 3.28 13.99
CA GLY A 153 3.62 1.90 13.82
C GLY A 153 4.63 1.11 13.04
N LEU A 154 5.05 1.66 11.90
CA LEU A 154 5.99 0.97 11.03
C LEU A 154 7.30 0.61 11.74
N LEU A 155 7.98 1.61 12.30
CA LEU A 155 9.23 1.35 13.00
C LEU A 155 9.07 0.24 14.01
N TYR A 156 8.01 0.30 14.81
CA TYR A 156 7.82 -0.70 15.85
C TYR A 156 7.87 -2.10 15.28
N ILE A 157 6.94 -2.43 14.38
CA ILE A 157 6.84 -3.80 13.90
C ILE A 157 8.12 -4.21 13.21
N ASP A 158 8.73 -3.32 12.45
CA ASP A 158 9.97 -3.72 11.80
C ASP A 158 11.09 -3.95 12.80
N SER A 159 11.10 -3.19 13.90
CA SER A 159 12.08 -3.45 14.94
C SER A 159 11.81 -4.76 15.66
N VAL A 160 10.54 -5.17 15.79
CA VAL A 160 10.22 -6.37 16.57
C VAL A 160 10.20 -7.64 15.73
N SER A 161 10.45 -7.55 14.42
CA SER A 161 10.43 -8.70 13.53
C SER A 161 9.01 -9.24 13.37
N PHE A 162 8.87 -10.33 12.63
CA PHE A 162 7.58 -10.97 12.32
C PHE A 162 7.70 -12.42 12.81
N ASN A 163 7.67 -12.60 14.13
CA ASN A 163 7.75 -13.92 14.76
C ASN A 163 9.04 -14.64 14.40
N GLY A 164 10.14 -13.91 14.34
CA GLY A 164 11.41 -14.48 13.93
C GLY A 164 11.59 -14.59 12.43
N GLN A 165 10.67 -14.07 11.64
CA GLN A 165 10.82 -13.89 10.21
C GLN A 165 10.73 -12.39 9.90
N ALA A 166 11.05 -12.01 8.66
CA ALA A 166 11.30 -10.61 8.34
C ALA A 166 10.03 -9.85 8.01
N GLU A 167 9.85 -8.67 8.63
CA GLU A 167 8.72 -7.83 8.28
C GLU A 167 8.90 -7.19 6.91
N CYS A 168 10.14 -6.95 6.49
CA CYS A 168 10.43 -6.30 5.22
C CYS A 168 10.96 -7.30 4.19
N TYR A 169 10.58 -7.09 2.93
CA TYR A 169 10.99 -7.99 1.87
C TYR A 169 11.05 -7.22 0.56
N TYR A 170 11.53 -7.91 -0.47
CA TYR A 170 11.54 -7.38 -1.81
C TYR A 170 11.49 -8.54 -2.78
N PHE A 171 11.42 -8.20 -4.06
CA PHE A 171 11.36 -9.17 -5.14
C PHE A 171 12.72 -9.27 -5.81
N ALA A 172 13.26 -10.47 -5.86
CA ALA A 172 14.55 -10.69 -6.48
C ALA A 172 14.34 -11.04 -7.95
N ASN A 173 15.14 -10.43 -8.81
CA ASN A 173 15.16 -10.77 -10.21
C ASN A 173 16.56 -10.55 -10.77
N CYS A 180 10.68 -13.43 -10.97
CA CYS A 180 10.75 -12.69 -9.72
C CYS A 180 9.99 -13.40 -8.62
N GLN A 181 10.68 -13.55 -7.50
CA GLN A 181 10.13 -14.19 -6.33
C GLN A 181 10.48 -13.30 -5.14
N LYS A 182 9.78 -13.48 -4.03
CA LYS A 182 9.91 -12.58 -2.90
C LYS A 182 10.97 -13.09 -1.94
N MET A 183 11.73 -12.17 -1.36
CA MET A 183 12.86 -12.49 -0.51
C MET A 183 12.99 -11.42 0.52
N PRO A 184 13.52 -11.70 1.72
CA PRO A 184 13.50 -10.77 2.84
C PRO A 184 14.63 -9.76 2.80
N PHE A 185 14.54 -8.79 3.72
CA PHE A 185 15.45 -7.64 3.75
C PHE A 185 15.58 -7.16 5.19
N ASN A 186 16.74 -7.41 5.80
CA ASN A 186 17.00 -6.92 7.14
C ASN A 186 16.90 -5.41 7.17
N LEU A 187 15.94 -4.92 7.90
CA LEU A 187 15.71 -3.50 8.01
C LEU A 187 15.57 -3.17 9.49
N ASP A 188 16.67 -3.32 10.22
CA ASP A 188 16.61 -3.11 11.65
C ASP A 188 17.25 -1.80 12.09
N ASP A 189 18.12 -1.22 11.27
CA ASP A 189 18.67 0.12 11.47
C ASP A 189 18.16 1.00 10.33
N PRO A 190 16.85 1.25 10.28
CA PRO A 190 16.20 1.71 9.04
C PRO A 190 16.45 3.16 8.65
N TYR A 191 17.09 3.95 9.48
CA TYR A 191 17.28 5.35 9.16
C TYR A 191 18.45 5.50 8.22
N PRO A 192 18.32 6.37 7.20
CA PRO A 192 17.09 7.05 6.81
C PRO A 192 16.30 6.16 5.89
N LEU A 193 15.09 6.59 5.57
CA LEU A 193 14.14 5.70 4.93
C LEU A 193 13.15 6.54 4.14
N LEU A 194 12.81 6.06 2.97
CA LEU A 194 11.86 6.74 2.10
C LEU A 194 10.57 5.95 2.11
N VAL A 195 9.51 6.52 2.66
CA VAL A 195 8.22 5.84 2.74
C VAL A 195 7.28 6.47 1.75
N VAL A 196 6.77 5.65 0.85
CA VAL A 196 5.87 6.10 -0.20
C VAL A 196 4.49 5.58 0.16
N ASN A 197 3.61 6.47 0.60
CA ASN A 197 2.28 6.07 1.03
C ASN A 197 1.30 6.29 -0.10
N ILE A 198 0.71 5.23 -0.60
CA ILE A 198 -0.20 5.33 -1.73
C ILE A 198 -1.61 5.08 -1.23
N GLY A 199 -2.34 6.17 -1.06
CA GLY A 199 -3.75 6.07 -0.79
C GLY A 199 -4.48 6.53 -2.03
N SER A 200 -5.49 7.37 -1.86
CA SER A 200 -6.08 8.04 -3.00
C SER A 200 -5.03 8.84 -3.75
N GLY A 201 -4.11 9.48 -3.02
CA GLY A 201 -2.93 10.06 -3.60
C GLY A 201 -1.72 9.55 -2.85
N VAL A 202 -0.56 10.04 -3.25
CA VAL A 202 0.71 9.54 -2.73
C VAL A 202 1.41 10.65 -1.99
N SER A 203 1.84 10.36 -0.77
CA SER A 203 2.68 11.26 0.01
C SER A 203 3.96 10.54 0.33
N ILE A 204 5.09 11.21 0.13
CA ILE A 204 6.40 10.63 0.31
C ILE A 204 7.02 11.24 1.55
N LEU A 205 7.41 10.39 2.47
CA LEU A 205 7.99 10.80 3.74
C LEU A 205 9.45 10.39 3.77
N ALA A 206 10.29 11.34 4.13
CA ALA A 206 11.70 11.08 4.38
C ALA A 206 11.85 10.91 5.88
N VAL A 207 12.19 9.70 6.32
CA VAL A 207 12.34 9.43 7.73
C VAL A 207 13.81 9.41 8.09
N HIS A 208 14.18 10.23 9.07
CA HIS A 208 15.55 10.35 9.53
C HIS A 208 15.79 9.71 10.88
N SER A 209 14.79 9.70 11.74
CA SER A 209 14.88 9.00 13.02
C SER A 209 13.46 8.80 13.51
N LYS A 210 13.33 8.13 14.66
CA LYS A 210 11.99 7.87 15.18
C LYS A 210 11.26 9.15 15.52
N ASP A 211 11.98 10.24 15.81
CA ASP A 211 11.34 11.49 16.19
C ASP A 211 11.40 12.56 15.10
N ASN A 212 11.96 12.25 13.93
CA ASN A 212 12.10 13.24 12.88
C ASN A 212 11.79 12.65 11.52
N TYR A 213 10.95 13.35 10.77
CA TYR A 213 10.46 12.95 9.46
C TYR A 213 9.56 14.06 8.94
N LYS A 214 9.46 14.15 7.62
CA LYS A 214 8.63 15.17 7.03
C LYS A 214 8.22 14.77 5.63
N ARG A 215 7.07 15.27 5.21
CA ARG A 215 6.56 14.96 3.88
C ARG A 215 7.27 15.84 2.87
N VAL A 216 8.17 15.26 2.07
CA VAL A 216 9.02 16.07 1.21
C VAL A 216 8.38 16.34 -0.14
N THR A 217 7.47 15.48 -0.58
CA THR A 217 6.68 15.72 -1.78
C THR A 217 5.60 14.66 -1.88
N GLY A 218 4.86 14.71 -2.98
CA GLY A 218 3.81 13.75 -3.27
C GLY A 218 3.38 13.91 -4.70
N THR A 219 2.49 13.01 -5.12
CA THR A 219 1.86 13.11 -6.43
C THR A 219 0.37 12.88 -6.28
N SER A 220 -0.41 13.54 -7.13
CA SER A 220 -1.85 13.39 -7.10
C SER A 220 -2.32 12.18 -7.88
N LEU A 221 -1.41 11.40 -8.45
CA LEU A 221 -1.77 10.18 -9.18
C LEU A 221 -1.54 8.98 -8.30
N GLY A 222 -2.54 8.65 -7.51
CA GLY A 222 -2.45 7.47 -6.68
C GLY A 222 -3.57 6.51 -6.96
N GLY A 223 -4.08 5.89 -5.89
CA GLY A 223 -5.10 4.87 -6.06
C GLY A 223 -6.41 5.45 -6.55
N GLY A 224 -6.92 6.47 -5.87
CA GLY A 224 -8.10 7.17 -6.35
C GLY A 224 -7.98 7.62 -7.79
N THR A 225 -6.77 7.79 -8.29
CA THR A 225 -6.64 8.16 -9.69
C THR A 225 -6.81 6.96 -10.60
N PHE A 226 -6.45 5.77 -10.14
CA PHE A 226 -6.56 4.59 -10.99
C PHE A 226 -7.98 4.05 -11.05
N LEU A 227 -8.54 3.70 -9.89
CA LEU A 227 -9.93 3.28 -9.84
C LEU A 227 -10.84 4.35 -10.41
N GLY A 228 -10.57 5.62 -10.08
CA GLY A 228 -11.33 6.70 -10.67
C GLY A 228 -11.39 6.61 -12.18
N LEU A 229 -10.25 6.37 -12.81
CA LEU A 229 -10.24 6.30 -14.27
C LEU A 229 -10.86 5.01 -14.78
N CYS A 230 -10.39 3.86 -14.29
CA CYS A 230 -10.92 2.59 -14.76
C CYS A 230 -12.43 2.55 -14.64
N SER A 231 -12.97 2.97 -13.51
CA SER A 231 -14.42 3.11 -13.43
C SER A 231 -14.95 3.91 -14.61
N LEU A 232 -14.32 5.03 -14.94
CA LEU A 232 -14.75 5.76 -16.12
C LEU A 232 -14.41 5.02 -17.41
N LEU A 233 -13.35 4.23 -17.41
CA LEU A 233 -13.00 3.54 -18.64
C LEU A 233 -13.74 2.21 -18.78
N THR A 234 -14.02 1.54 -17.67
CA THR A 234 -14.47 0.15 -17.72
C THR A 234 -15.86 -0.06 -17.14
N GLY A 235 -16.42 0.90 -16.43
CA GLY A 235 -17.63 0.64 -15.68
C GLY A 235 -17.42 -0.35 -14.56
N CYS A 236 -16.18 -0.49 -14.10
CA CYS A 236 -15.89 -1.45 -13.05
C CYS A 236 -16.51 -1.00 -11.72
N GLU A 237 -17.23 -1.93 -11.09
CA GLU A 237 -17.91 -1.61 -9.83
C GLU A 237 -16.92 -1.42 -8.69
N SER A 238 -15.86 -2.23 -8.64
CA SER A 238 -14.98 -2.22 -7.49
C SER A 238 -13.52 -2.23 -7.93
N PHE A 239 -12.67 -2.16 -6.90
CA PHE A 239 -11.22 -2.05 -7.07
C PHE A 239 -10.63 -3.38 -7.54
N GLU A 240 -10.95 -4.46 -6.82
CA GLU A 240 -10.50 -5.79 -7.19
C GLU A 240 -10.98 -6.19 -8.56
N GLU A 241 -12.17 -5.72 -8.95
CA GLU A 241 -12.62 -5.86 -10.33
C GLU A 241 -11.60 -5.25 -11.29
N ALA A 242 -11.26 -3.98 -11.07
CA ALA A 242 -10.24 -3.34 -11.90
C ALA A 242 -8.91 -4.09 -11.82
N LEU A 243 -8.50 -4.49 -10.61
CA LEU A 243 -7.23 -5.21 -10.46
C LEU A 243 -7.19 -6.46 -11.32
N GLU A 244 -8.18 -7.33 -11.16
CA GLU A 244 -8.18 -8.58 -11.89
C GLU A 244 -8.39 -8.30 -13.38
N MET A 245 -9.23 -7.32 -13.72
CA MET A 245 -9.27 -6.77 -15.09
C MET A 245 -7.91 -6.35 -15.56
N ALA A 246 -7.27 -5.41 -14.85
CA ALA A 246 -5.89 -5.09 -15.13
C ALA A 246 -5.07 -6.36 -15.24
N SER A 247 -5.23 -7.27 -14.28
CA SER A 247 -4.47 -8.51 -14.26
C SER A 247 -4.57 -9.28 -15.57
N LYS A 248 -5.64 -9.06 -16.35
CA LYS A 248 -5.80 -9.72 -17.65
C LYS A 248 -5.49 -8.82 -18.83
N GLY A 249 -5.35 -7.51 -18.63
CA GLY A 249 -5.11 -6.61 -19.73
C GLY A 249 -3.66 -6.49 -20.13
N ASP A 250 -3.43 -5.91 -21.31
CA ASP A 250 -2.10 -5.61 -21.81
C ASP A 250 -2.05 -4.15 -22.23
N SER A 251 -1.14 -3.40 -21.61
CA SER A 251 -1.13 -1.96 -21.77
C SER A 251 -0.69 -1.52 -23.16
N THR A 252 0.17 -2.32 -23.82
CA THR A 252 0.76 -1.89 -25.09
C THR A 252 -0.28 -1.59 -26.14
N GLN A 253 -1.46 -2.19 -26.04
CA GLN A 253 -2.54 -1.86 -26.96
C GLN A 253 -3.02 -0.43 -26.80
N ALA A 254 -2.85 0.15 -25.61
CA ALA A 254 -3.26 1.52 -25.34
C ALA A 254 -2.11 2.50 -25.51
N ASP A 255 -0.99 2.23 -24.87
CA ASP A 255 0.12 3.16 -24.83
C ASP A 255 1.01 2.99 -26.06
N LYS A 256 1.71 4.05 -26.38
CA LYS A 256 2.64 4.04 -27.48
C LYS A 256 4.02 3.77 -26.90
N LEU A 257 4.68 2.76 -27.43
CA LEU A 257 6.01 2.49 -26.94
C LEU A 257 7.02 3.27 -27.75
N VAL A 258 8.26 3.24 -27.27
CA VAL A 258 9.35 3.86 -28.00
C VAL A 258 9.41 3.29 -29.41
N ARG A 259 9.49 1.97 -29.52
CA ARG A 259 9.56 1.34 -30.83
C ARG A 259 8.37 1.70 -31.71
N ASP A 260 7.26 2.15 -31.13
CA ASP A 260 6.15 2.61 -31.95
C ASP A 260 6.47 3.89 -32.70
N ILE A 261 7.60 4.54 -32.43
CA ILE A 261 7.98 5.78 -33.08
C ILE A 261 9.22 5.59 -33.92
N TYR A 262 10.20 4.90 -33.37
CA TYR A 262 11.49 4.74 -34.03
C TYR A 262 11.68 3.35 -34.60
N GLY A 263 10.68 2.47 -34.47
CA GLY A 263 10.85 1.10 -34.85
C GLY A 263 11.66 0.25 -33.89
N GLY A 264 12.50 0.85 -33.07
CA GLY A 264 13.35 0.11 -32.16
C GLY A 264 13.84 0.95 -30.99
N ASP A 265 15.02 0.60 -30.48
CA ASP A 265 15.66 1.40 -29.45
C ASP A 265 15.96 2.78 -29.97
N TYR A 266 15.67 3.79 -29.16
CA TYR A 266 16.24 5.11 -29.40
C TYR A 266 17.61 5.09 -28.72
N GLU A 267 18.61 4.57 -29.43
CA GLU A 267 19.89 4.38 -28.78
C GLU A 267 20.61 5.70 -28.53
N ARG A 268 20.28 6.76 -29.29
CA ARG A 268 21.03 8.01 -29.18
C ARG A 268 20.91 8.60 -27.77
N PHE A 269 19.69 8.64 -27.22
CA PHE A 269 19.47 9.10 -25.85
C PHE A 269 19.20 7.92 -24.94
N GLY A 270 19.85 6.78 -25.25
CA GLY A 270 19.82 5.61 -24.40
C GLY A 270 18.40 5.24 -24.03
N LEU A 271 17.58 5.05 -25.04
CA LEU A 271 16.20 4.69 -24.84
C LEU A 271 15.93 3.37 -25.53
N PRO A 272 15.49 2.36 -24.79
CA PRO A 272 15.09 1.10 -25.41
C PRO A 272 13.72 1.24 -26.05
N GLY A 273 13.48 0.42 -27.07
CA GLY A 273 12.19 0.42 -27.74
C GLY A 273 11.03 0.05 -26.84
N TRP A 274 11.28 -0.80 -25.84
CA TRP A 274 10.20 -1.27 -24.98
C TRP A 274 9.78 -0.26 -23.92
N ALA A 275 10.47 0.86 -23.76
CA ALA A 275 9.99 1.86 -22.83
C ALA A 275 8.70 2.46 -23.37
N VAL A 276 7.86 2.98 -22.46
CA VAL A 276 6.62 3.61 -22.85
C VAL A 276 6.93 5.04 -23.29
N ALA A 277 6.73 5.33 -24.58
CA ALA A 277 6.95 6.70 -25.01
C ALA A 277 5.79 7.60 -24.59
N SER A 278 4.56 7.11 -24.74
CA SER A 278 3.40 7.93 -24.41
C SER A 278 2.33 7.06 -23.78
N SER A 279 1.95 7.41 -22.56
CA SER A 279 0.83 6.77 -21.92
C SER A 279 -0.41 7.01 -22.77
N PHE A 280 -1.12 5.93 -23.07
CA PHE A 280 -2.30 5.96 -23.95
C PHE A 280 -1.99 6.60 -25.28
N GLY A 281 -0.73 6.65 -25.68
CA GLY A 281 -0.39 7.28 -26.93
C GLY A 281 -1.10 6.67 -28.12
N ASN A 282 -1.31 5.36 -28.10
CA ASN A 282 -1.97 4.72 -29.22
C ASN A 282 -3.48 4.85 -29.17
N MET A 283 -4.03 5.50 -28.14
CA MET A 283 -5.46 5.70 -28.05
C MET A 283 -5.92 6.99 -28.70
N ILE A 284 -5.01 7.71 -29.34
CA ILE A 284 -5.39 8.81 -30.21
C ILE A 284 -5.87 8.31 -31.56
N TYR A 285 -5.61 7.04 -31.86
CA TYR A 285 -6.02 6.42 -33.13
C TYR A 285 -7.29 5.61 -32.91
N LYS A 286 -8.40 6.09 -33.51
CA LYS A 286 -9.69 5.42 -33.37
C LYS A 286 -9.59 3.95 -33.72
N GLU A 287 -8.79 3.61 -34.75
CA GLU A 287 -8.52 2.20 -35.05
C GLU A 287 -8.25 1.42 -33.79
N LYS A 288 -7.21 1.81 -33.05
CA LYS A 288 -6.80 1.14 -31.82
C LYS A 288 -7.73 1.43 -30.66
N ARG A 289 -8.53 2.49 -30.75
CA ARG A 289 -9.50 2.75 -29.70
C ARG A 289 -10.60 1.70 -29.68
N GLU A 290 -11.11 1.31 -30.85
CA GLU A 290 -12.08 0.23 -30.84
C GLU A 290 -11.45 -1.09 -30.48
N SER A 291 -10.15 -1.23 -30.74
CA SER A 291 -9.45 -2.50 -30.63
C SER A 291 -8.93 -2.80 -29.23
N VAL A 292 -9.11 -1.91 -28.26
CA VAL A 292 -8.57 -2.14 -26.93
C VAL A 292 -9.65 -2.70 -26.02
N SER A 293 -9.28 -3.70 -25.24
CA SER A 293 -10.22 -4.32 -24.33
C SER A 293 -10.28 -3.55 -23.03
N LYS A 294 -11.37 -3.79 -22.29
CA LYS A 294 -11.49 -3.19 -20.96
C LYS A 294 -10.25 -3.47 -20.12
N GLU A 295 -9.84 -4.74 -20.04
CA GLU A 295 -8.76 -5.15 -19.15
C GLU A 295 -7.46 -4.41 -19.47
N ASP A 296 -7.17 -4.18 -20.75
CA ASP A 296 -5.95 -3.46 -21.11
C ASP A 296 -5.96 -2.07 -20.53
N LEU A 297 -7.05 -1.34 -20.70
CA LEU A 297 -7.06 -0.01 -20.13
C LEU A 297 -6.95 -0.08 -18.62
N ALA A 298 -7.72 -0.98 -18.01
CA ALA A 298 -7.45 -1.33 -16.62
C ALA A 298 -5.96 -1.56 -16.41
N ARG A 299 -5.37 -2.44 -17.22
CA ARG A 299 -3.92 -2.59 -17.18
C ARG A 299 -3.21 -1.31 -17.58
N ALA A 300 -3.59 -0.72 -18.72
CA ALA A 300 -2.93 0.50 -19.15
C ALA A 300 -2.98 1.56 -18.07
N THR A 301 -4.11 1.66 -17.37
CA THR A 301 -4.24 2.67 -16.33
C THR A 301 -3.24 2.47 -15.22
N LEU A 302 -3.08 1.24 -14.77
CA LEU A 302 -2.23 0.98 -13.63
C LEU A 302 -0.76 1.16 -13.96
N VAL A 303 -0.35 0.83 -15.18
CA VAL A 303 1.05 0.93 -15.55
C VAL A 303 1.52 2.35 -15.36
N THR A 304 0.82 3.30 -15.98
CA THR A 304 1.16 4.71 -15.87
C THR A 304 1.30 5.14 -14.42
N ILE A 305 0.30 4.83 -13.59
CA ILE A 305 0.36 5.19 -12.18
C ILE A 305 1.64 4.68 -11.56
N THR A 306 1.90 3.38 -11.67
CA THR A 306 3.09 2.81 -11.05
C THR A 306 4.36 3.42 -11.59
N ASN A 307 4.43 3.60 -12.91
CA ASN A 307 5.65 4.15 -13.49
C ASN A 307 5.88 5.57 -13.03
N ASN A 308 4.81 6.36 -12.95
CA ASN A 308 5.00 7.72 -12.48
C ASN A 308 5.44 7.75 -11.03
N ILE A 309 4.86 6.88 -10.21
CA ILE A 309 5.22 6.83 -8.80
C ILE A 309 6.68 6.42 -8.64
N GLY A 310 7.10 5.39 -9.36
CA GLY A 310 8.49 5.01 -9.34
C GLY A 310 9.41 6.15 -9.72
N SER A 311 9.01 6.93 -10.71
CA SER A 311 9.85 8.03 -11.17
C SER A 311 10.01 9.09 -10.11
N VAL A 312 8.89 9.55 -9.55
CA VAL A 312 8.92 10.51 -8.45
C VAL A 312 9.71 9.96 -7.28
N ALA A 313 9.42 8.73 -6.88
CA ALA A 313 10.15 8.14 -5.78
C ALA A 313 11.64 8.13 -6.06
N ARG A 314 12.03 7.75 -7.27
CA ARG A 314 13.46 7.68 -7.56
C ARG A 314 14.10 9.05 -7.51
N MET A 315 13.45 10.05 -8.11
CA MET A 315 13.97 11.41 -8.05
C MET A 315 14.05 11.90 -6.61
N CYS A 316 13.10 11.50 -5.78
CA CYS A 316 13.12 11.86 -4.37
C CYS A 316 14.30 11.21 -3.65
N ALA A 317 14.48 9.90 -3.84
CA ALA A 317 15.60 9.21 -3.22
C ALA A 317 16.92 9.87 -3.60
N VAL A 318 17.03 10.35 -4.83
CA VAL A 318 18.26 11.01 -5.27
C VAL A 318 18.45 12.33 -4.52
N ASN A 319 17.41 13.16 -4.48
CA ASN A 319 17.59 14.47 -3.87
C ASN A 319 17.76 14.38 -2.35
N GLU A 320 17.04 13.48 -1.69
CA GLU A 320 17.15 13.31 -0.25
C GLU A 320 18.20 12.30 0.15
N LYS A 321 18.94 11.75 -0.81
CA LYS A 321 20.10 10.91 -0.53
C LYS A 321 19.73 9.74 0.40
N ILE A 322 18.61 9.11 0.11
CA ILE A 322 18.15 7.92 0.83
C ILE A 322 18.21 6.76 -0.16
N ASN A 323 18.68 5.61 0.30
CA ASN A 323 18.79 4.45 -0.58
C ASN A 323 17.70 3.42 -0.37
N ARG A 324 16.84 3.60 0.61
CA ARG A 324 15.85 2.59 0.96
C ARG A 324 14.48 3.20 0.76
N VAL A 325 13.73 2.61 -0.16
CA VAL A 325 12.42 3.12 -0.54
C VAL A 325 11.42 2.00 -0.36
N VAL A 326 10.55 2.15 0.63
CA VAL A 326 9.53 1.18 0.96
C VAL A 326 8.18 1.75 0.58
N PHE A 327 7.31 0.90 0.04
CA PHE A 327 6.02 1.35 -0.43
C PHE A 327 4.96 0.81 0.50
N VAL A 328 3.97 1.66 0.82
CA VAL A 328 2.87 1.30 1.70
C VAL A 328 1.61 2.04 1.25
N GLY A 329 0.55 1.85 2.02
CA GLY A 329 -0.72 2.46 1.71
C GLY A 329 -1.82 1.45 1.65
N ASN A 330 -3.06 1.88 1.87
CA ASN A 330 -4.20 1.00 1.68
C ASN A 330 -4.24 0.42 0.27
N PHE A 331 -3.58 1.05 -0.70
CA PHE A 331 -3.65 0.64 -2.09
C PHE A 331 -2.89 -0.66 -2.37
N LEU A 332 -2.00 -1.09 -1.47
CA LEU A 332 -1.10 -2.22 -1.75
C LEU A 332 -1.57 -3.52 -1.15
N ARG A 333 -2.77 -3.53 -0.58
CA ARG A 333 -3.13 -4.64 0.30
C ARG A 333 -3.68 -5.80 -0.49
N VAL A 334 -4.62 -5.53 -1.40
CA VAL A 334 -5.38 -6.61 -2.03
C VAL A 334 -4.55 -7.41 -3.02
N ASN A 335 -3.55 -6.81 -3.64
CA ASN A 335 -2.85 -7.58 -4.65
C ASN A 335 -1.37 -7.26 -4.62
N THR A 336 -0.59 -8.31 -4.82
CA THR A 336 0.83 -8.17 -5.01
C THR A 336 1.17 -7.58 -6.37
N LEU A 337 0.24 -7.61 -7.31
CA LEU A 337 0.50 -7.05 -8.64
C LEU A 337 0.89 -5.59 -8.56
N SER A 338 0.10 -4.79 -7.83
CA SER A 338 0.46 -3.42 -7.60
C SER A 338 1.92 -3.32 -7.14
N MET A 339 2.29 -4.16 -6.18
CA MET A 339 3.66 -4.16 -5.66
C MET A 339 4.69 -4.44 -6.75
N LYS A 340 4.48 -5.50 -7.55
CA LYS A 340 5.49 -5.87 -8.53
C LYS A 340 5.73 -4.74 -9.55
N LEU A 341 4.66 -4.07 -9.98
CA LEU A 341 4.81 -3.02 -10.99
C LEU A 341 5.60 -1.84 -10.44
N LEU A 342 5.45 -1.55 -9.15
CA LEU A 342 6.34 -0.58 -8.54
C LEU A 342 7.77 -1.10 -8.56
N ALA A 343 7.97 -2.38 -8.21
CA ALA A 343 9.32 -2.92 -8.16
C ALA A 343 10.01 -2.84 -9.52
N TYR A 344 9.29 -3.19 -10.58
CA TYR A 344 9.84 -3.03 -11.91
C TYR A 344 10.13 -1.57 -12.23
N ALA A 345 9.28 -0.67 -11.76
CA ALA A 345 9.41 0.74 -12.14
C ALA A 345 10.59 1.41 -11.44
N LEU A 346 10.70 1.24 -10.11
CA LEU A 346 11.83 1.78 -9.36
C LEU A 346 13.15 1.21 -9.85
N ASP A 347 13.11 -0.03 -10.28
CA ASP A 347 14.25 -0.68 -10.90
C ASP A 347 14.66 0.06 -12.17
N TYR A 348 13.69 0.44 -12.99
CA TYR A 348 14.00 1.12 -14.25
C TYR A 348 14.51 2.54 -14.02
N TRP A 349 13.88 3.31 -13.13
CA TRP A 349 14.27 4.71 -12.99
C TRP A 349 15.59 4.85 -12.25
N SER A 350 15.83 4.02 -11.24
CA SER A 350 17.12 4.03 -10.57
C SER A 350 18.15 3.16 -11.28
N LYS A 351 17.78 2.52 -12.38
CA LYS A 351 18.62 1.55 -13.11
C LYS A 351 19.21 0.54 -12.15
N GLY A 352 18.33 -0.11 -11.38
CA GLY A 352 18.76 -1.12 -10.43
C GLY A 352 19.45 -0.60 -9.19
N GLN A 353 19.85 0.65 -9.16
CA GLN A 353 20.48 1.16 -7.95
C GLN A 353 19.52 1.15 -6.76
N LEU A 354 18.22 1.02 -7.01
CA LEU A 354 17.24 1.01 -5.93
C LEU A 354 16.36 -0.23 -6.03
N LYS A 355 16.21 -0.92 -4.91
CA LYS A 355 15.22 -1.96 -4.80
C LYS A 355 14.00 -1.41 -4.08
N ALA A 356 12.85 -1.94 -4.43
CA ALA A 356 11.62 -1.60 -3.73
C ALA A 356 11.43 -2.59 -2.61
N LEU A 357 11.06 -2.08 -1.43
CA LEU A 357 10.81 -2.89 -0.25
C LEU A 357 9.37 -2.75 0.19
N PHE A 358 8.84 -3.82 0.78
CA PHE A 358 7.46 -3.87 1.19
C PHE A 358 7.36 -4.53 2.55
N LEU A 359 6.23 -4.35 3.19
CA LEU A 359 6.02 -4.86 4.52
C LEU A 359 4.83 -5.81 4.55
N GLU A 360 4.94 -6.82 5.41
CA GLU A 360 3.90 -7.83 5.52
C GLU A 360 2.65 -7.31 6.22
N HIS A 361 2.83 -6.41 7.19
CA HIS A 361 1.70 -5.78 7.86
C HIS A 361 1.32 -4.46 7.22
N GLU A 362 1.57 -4.34 5.93
CA GLU A 362 1.17 -3.15 5.20
C GLU A 362 -0.34 -2.96 5.33
N GLY A 363 -0.74 -1.86 5.95
CA GLY A 363 -2.15 -1.54 6.06
C GLY A 363 -2.62 -1.41 7.48
N TYR A 364 -1.97 -2.09 8.41
CA TYR A 364 -2.29 -2.00 9.83
C TYR A 364 -1.33 -1.08 10.58
N PHE A 365 -0.34 -0.51 9.91
CA PHE A 365 0.63 0.32 10.60
C PHE A 365 -0.02 1.50 11.27
N GLY A 366 -0.82 2.26 10.51
CA GLY A 366 -1.66 3.26 11.15
C GLY A 366 -2.37 2.70 12.36
N ALA A 367 -2.97 1.51 12.23
CA ALA A 367 -3.75 0.92 13.31
C ALA A 367 -2.90 0.77 14.57
N VAL A 368 -1.73 0.16 14.43
CA VAL A 368 -0.85 -0.05 15.56
C VAL A 368 -0.19 1.26 15.98
N GLY A 369 0.11 2.15 15.03
CA GLY A 369 0.64 3.44 15.40
C GLY A 369 -0.32 4.16 16.34
N ALA A 370 -1.62 3.91 16.18
CA ALA A 370 -2.58 4.47 17.11
C ALA A 370 -2.55 3.73 18.43
N LEU A 371 -2.16 2.46 18.41
CA LEU A 371 -2.16 1.70 19.64
C LEU A 371 -1.13 2.22 20.64
N LEU A 372 -0.05 2.83 20.18
CA LEU A 372 1.02 3.21 21.09
C LEU A 372 1.01 4.68 21.50
N GLY A 373 -0.03 5.42 21.13
CA GLY A 373 -0.28 6.68 21.79
C GLY A 373 -1.13 6.58 23.04
N LEU A 374 -1.54 5.37 23.42
CA LEU A 374 -2.46 5.16 24.54
C LEU A 374 -1.94 5.86 25.79
N PRO A 375 -2.74 6.69 26.44
CA PRO A 375 -2.35 7.29 27.72
C PRO A 375 -2.64 6.39 28.91
N ASN A 376 -1.71 6.37 29.86
CA ASN A 376 -1.87 5.62 31.10
C ASN A 376 -1.57 6.49 32.32
#